data_5OW3
#
_entry.id   5OW3
#
_cell.length_a   77.255
_cell.length_b   77.255
_cell.length_c   219.526
_cell.angle_alpha   90.00
_cell.angle_beta   90.00
_cell.angle_gamma   120.00
#
_symmetry.space_group_name_H-M   'P 63'
#
loop_
_entity.id
_entity.type
_entity.pdbx_description
1 polymer 'Protein HAPLESS 2'
2 non-polymer 2-acetamido-2-deoxy-beta-D-glucopyranose
3 non-polymer 'ZINC ION'
4 non-polymer 'ACETATE ION'
5 non-polymer GLYCEROL
6 water water
#
_entity_poly.entity_id   1
_entity_poly.type   'polypeptide(L)'
_entity_poly.pdbx_seq_one_letter_code
;MKLCILLAVVAFVGLSLGIQILSKSKLEKCEKTSDSGNLNCSTKIVLNLAVPSGSSGGEASIVAEIVEVEDNSSSNMQTV
RIPPVITVNKSAAYALYDLTYIRDVPYKPQEYHVTTRKCEPDAGPDIVQICERLRDEKGNVLEQTQPICCPCGPQRRMPS
SCGDIFDKMIKGKANTAHCLRFPGDWFHVFGIGQRSLGFSVRVELKTGTRVSEVIIGPENRTATANDNFLKVNLIGDFGG
YTSIPSFEDFYLVIPREAAEAGQPGSLGANYSMWMLLERVRFTLDGLECNKIGVGYEAFNTQPNFCSSPYWSCLHNQLWN
FRESDINRIDRHQLPLYGLEGRFERINQHPNAGPHSFSIGVTETLNTNLMIELRADDIEYVFQRSPGKIINIAIPTFEAL
TQFGVAAVIIKNTGEVEASYSLTFDCSKGVAFVEEQFFIIKPKAVTTRSFKLYPTKDQAAKYICTAILKDSQFSEVDRAE
CQFSTTATGDDDDKAGWSHPQFEKGGGSGGGSGGGSWSHPQFEK
;
_entity_poly.pdbx_strand_id   C
#
loop_
_chem_comp.id
_chem_comp.type
_chem_comp.name
_chem_comp.formula
ACT non-polymer 'ACETATE ION' 'C2 H3 O2 -1'
GOL non-polymer GLYCEROL 'C3 H8 O3'
NAG D-saccharide, beta linking 2-acetamido-2-deoxy-beta-D-glucopyranose 'C8 H15 N O6'
ZN non-polymer 'ZINC ION' 'Zn 2'
#
# COMPACT_ATOMS: atom_id res chain seq x y z
N ILE A 19 5.24 24.65 6.41
CA ILE A 19 5.16 25.50 5.22
C ILE A 19 6.26 26.57 5.23
N GLN A 20 7.01 26.68 4.12
CA GLN A 20 8.12 27.64 3.99
C GLN A 20 8.05 28.43 2.68
N ILE A 21 8.28 29.74 2.76
CA ILE A 21 8.28 30.63 1.59
C ILE A 21 9.61 30.51 0.85
N LEU A 22 9.55 30.05 -0.41
CA LEU A 22 10.73 29.92 -1.27
C LEU A 22 11.13 31.28 -1.84
N SER A 23 10.14 32.09 -2.25
CA SER A 23 10.35 33.44 -2.81
C SER A 23 9.11 34.35 -2.73
N LYS A 24 9.36 35.67 -2.68
CA LYS A 24 8.37 36.74 -2.68
C LYS A 24 8.83 37.71 -3.77
N SER A 25 8.00 37.95 -4.79
CA SER A 25 8.39 38.82 -5.90
C SER A 25 7.24 39.62 -6.50
N LYS A 26 7.53 40.88 -6.89
CA LYS A 26 6.58 41.79 -7.53
C LYS A 26 6.73 41.64 -9.05
N LEU A 27 5.60 41.48 -9.77
CA LEU A 27 5.61 41.30 -11.22
C LEU A 27 4.38 41.92 -11.88
N GLU A 28 4.60 42.71 -12.96
CA GLU A 28 3.52 43.34 -13.72
C GLU A 28 3.00 42.36 -14.78
N LYS A 29 1.80 41.84 -14.54
CA LYS A 29 1.12 40.88 -15.40
C LYS A 29 0.22 41.66 -16.38
N CYS A 30 0.39 41.44 -17.69
CA CYS A 30 -0.39 42.14 -18.72
C CYS A 30 -1.19 41.19 -19.59
N GLU A 31 -2.53 41.33 -19.55
CA GLU A 31 -3.48 40.51 -20.31
C GLU A 31 -3.70 41.05 -21.73
N LYS A 32 -3.65 40.15 -22.73
CA LYS A 32 -3.86 40.47 -24.15
C LYS A 32 -5.05 39.66 -24.68
N THR A 33 -5.96 40.32 -25.43
CA THR A 33 -7.16 39.69 -25.99
C THR A 33 -7.16 39.69 -27.52
N SER A 34 -6.67 40.78 -28.14
CA SER A 34 -6.58 40.94 -29.59
C SER A 34 -5.17 41.37 -30.01
N ASP A 35 -4.72 40.91 -31.19
CA ASP A 35 -3.38 41.22 -31.74
C ASP A 35 -3.24 42.70 -32.12
N SER A 36 -4.31 43.27 -32.72
CA SER A 36 -4.35 44.68 -33.14
C SER A 36 -4.58 45.63 -31.96
N GLY A 37 -5.44 45.22 -31.03
CA GLY A 37 -5.80 46.00 -29.85
C GLY A 37 -4.72 46.21 -28.80
N ASN A 38 -5.05 47.03 -27.79
CA ASN A 38 -4.17 47.39 -26.69
C ASN A 38 -4.33 46.46 -25.49
N LEU A 39 -3.20 46.13 -24.82
CA LEU A 39 -3.15 45.23 -23.66
C LEU A 39 -3.19 45.96 -22.31
N ASN A 40 -4.01 45.45 -21.37
CA ASN A 40 -4.15 46.01 -20.03
C ASN A 40 -3.27 45.29 -19.01
N CYS A 41 -2.50 46.08 -18.23
CA CYS A 41 -1.57 45.58 -17.21
C CYS A 41 -2.15 45.65 -15.79
N SER A 42 -1.54 44.89 -14.87
CA SER A 42 -1.88 44.81 -13.45
C SER A 42 -0.68 44.25 -12.70
N THR A 43 -0.19 44.98 -11.69
CA THR A 43 0.97 44.55 -10.90
C THR A 43 0.51 43.60 -9.81
N LYS A 44 1.09 42.39 -9.80
CA LYS A 44 0.76 41.33 -8.83
C LYS A 44 2.01 40.90 -8.05
N ILE A 45 1.77 40.26 -6.88
CA ILE A 45 2.84 39.78 -6.00
C ILE A 45 2.84 38.22 -5.96
N VAL A 46 3.74 37.63 -6.76
CA VAL A 46 3.92 36.18 -6.95
C VAL A 46 4.72 35.55 -5.79
N LEU A 47 4.20 34.46 -5.21
CA LEU A 47 4.85 33.74 -4.12
C LEU A 47 5.05 32.27 -4.47
N ASN A 48 6.25 31.74 -4.18
CA ASN A 48 6.59 30.34 -4.40
C ASN A 48 6.62 29.67 -3.03
N LEU A 49 5.77 28.65 -2.83
CA LEU A 49 5.64 27.94 -1.57
C LEU A 49 5.96 26.46 -1.64
N ALA A 50 6.57 25.95 -0.57
CA ALA A 50 6.88 24.53 -0.39
C ALA A 50 5.91 24.05 0.70
N VAL A 51 4.82 23.41 0.27
CA VAL A 51 3.76 22.93 1.14
C VAL A 51 3.97 21.45 1.52
N PRO A 52 4.40 21.12 2.76
CA PRO A 52 4.58 19.70 3.12
C PRO A 52 3.26 19.02 3.46
N SER A 53 3.21 17.69 3.30
CA SER A 53 2.01 16.90 3.60
C SER A 53 1.80 16.81 5.10
N GLY A 54 0.63 17.26 5.55
CA GLY A 54 0.27 17.27 6.96
C GLY A 54 -0.04 18.65 7.53
N SER A 55 0.16 19.72 6.73
CA SER A 55 -0.10 21.10 7.13
C SER A 55 -1.60 21.34 7.33
N SER A 56 -1.96 22.20 8.32
CA SER A 56 -3.34 22.51 8.67
C SER A 56 -3.75 23.96 8.47
N GLY A 57 -2.80 24.88 8.66
CA GLY A 57 -3.04 26.32 8.55
C GLY A 57 -2.87 27.05 9.86
N GLY A 58 -3.14 26.35 10.97
CA GLY A 58 -3.01 26.88 12.33
C GLY A 58 -1.59 27.01 12.83
N GLU A 59 -0.60 26.62 11.99
CA GLU A 59 0.83 26.67 12.30
C GLU A 59 1.51 27.94 11.77
N ALA A 60 1.03 28.47 10.62
CA ALA A 60 1.56 29.67 9.97
C ALA A 60 0.52 30.33 9.07
N SER A 61 0.56 31.67 8.99
CA SER A 61 -0.36 32.48 8.19
C SER A 61 0.41 33.48 7.32
N ILE A 62 -0.13 33.80 6.14
CA ILE A 62 0.47 34.77 5.22
C ILE A 62 -0.51 35.95 5.02
N VAL A 63 -0.20 37.09 5.67
CA VAL A 63 -1.01 38.31 5.64
C VAL A 63 -0.55 39.24 4.53
N ALA A 64 -1.50 39.66 3.66
CA ALA A 64 -1.23 40.55 2.53
C ALA A 64 -1.55 42.00 2.87
N GLU A 65 -0.66 42.91 2.47
CA GLU A 65 -0.82 44.35 2.69
C GLU A 65 -1.16 45.01 1.34
N ILE A 66 -2.37 45.60 1.25
CA ILE A 66 -2.88 46.26 0.04
C ILE A 66 -2.90 47.80 0.20
N VAL A 67 -2.38 48.51 -0.83
CA VAL A 67 -2.33 49.97 -0.89
C VAL A 67 -3.24 50.44 -2.04
N GLU A 68 -4.27 51.23 -1.71
CA GLU A 68 -5.25 51.76 -2.66
C GLU A 68 -4.97 53.22 -3.07
N VAL A 69 -5.24 53.56 -4.35
CA VAL A 69 -5.04 54.90 -4.91
C VAL A 69 -6.25 55.31 -5.78
N ARG A 81 -11.45 47.07 5.49
CA ARG A 81 -10.17 47.60 5.95
C ARG A 81 -9.24 46.50 6.51
N ILE A 82 -9.82 45.36 6.96
CA ILE A 82 -9.09 44.22 7.52
C ILE A 82 -8.22 43.54 6.44
N PRO A 83 -6.90 43.31 6.69
CA PRO A 83 -6.04 42.70 5.66
C PRO A 83 -6.35 41.23 5.37
N PRO A 84 -6.23 40.77 4.10
CA PRO A 84 -6.50 39.36 3.79
C PRO A 84 -5.43 38.42 4.34
N VAL A 85 -5.86 37.38 5.07
CA VAL A 85 -4.98 36.38 5.68
C VAL A 85 -5.19 35.02 4.99
N ILE A 86 -4.10 34.40 4.54
CA ILE A 86 -4.12 33.10 3.85
C ILE A 86 -3.46 32.01 4.70
N THR A 87 -4.14 30.86 4.80
CA THR A 87 -3.69 29.66 5.54
C THR A 87 -3.83 28.44 4.62
N VAL A 88 -2.74 27.68 4.43
CA VAL A 88 -2.72 26.52 3.53
C VAL A 88 -2.61 25.19 4.30
N ASN A 89 -3.56 24.27 4.01
CA ASN A 89 -3.66 22.92 4.58
C ASN A 89 -3.41 21.87 3.50
N LYS A 90 -2.60 20.83 3.82
CA LYS A 90 -2.31 19.73 2.89
C LYS A 90 -2.53 18.36 3.56
N SER A 91 -3.23 17.47 2.85
CA SER A 91 -3.54 16.12 3.31
C SER A 91 -2.38 15.15 3.10
N ALA A 92 -2.45 13.98 3.74
CA ALA A 92 -1.46 12.91 3.61
C ALA A 92 -1.58 12.31 2.20
N ALA A 93 -0.44 11.83 1.66
CA ALA A 93 -0.39 11.28 0.31
C ALA A 93 -0.63 9.77 0.24
N TYR A 94 -1.16 9.33 -0.90
CA TYR A 94 -1.43 7.93 -1.21
C TYR A 94 -1.06 7.67 -2.66
N ALA A 95 -0.74 6.41 -2.99
CA ALA A 95 -0.42 5.99 -4.35
C ALA A 95 -1.49 5.03 -4.83
N LEU A 96 -2.21 5.42 -5.90
CA LEU A 96 -3.30 4.64 -6.50
C LEU A 96 -2.79 3.86 -7.73
N TYR A 97 -3.12 2.56 -7.80
CA TYR A 97 -2.66 1.71 -8.89
C TYR A 97 -3.79 1.35 -9.85
N ASP A 98 -3.59 1.65 -11.14
CA ASP A 98 -4.56 1.39 -12.22
C ASP A 98 -4.66 -0.13 -12.50
N LEU A 99 -5.72 -0.76 -11.96
CA LEU A 99 -5.98 -2.20 -12.08
C LEU A 99 -6.76 -2.57 -13.34
N THR A 100 -6.33 -3.65 -14.01
CA THR A 100 -6.98 -4.18 -15.22
C THR A 100 -7.35 -5.64 -14.96
N TYR A 101 -8.63 -6.01 -15.11
CA TYR A 101 -9.08 -7.38 -14.86
C TYR A 101 -8.58 -8.38 -15.90
N ILE A 102 -8.04 -9.52 -15.42
CA ILE A 102 -7.49 -10.58 -16.26
C ILE A 102 -8.42 -11.82 -16.30
N ARG A 103 -8.52 -12.58 -15.17
CA ARG A 103 -9.33 -13.80 -15.04
C ARG A 103 -9.52 -14.23 -13.57
N ASP A 104 -10.64 -14.93 -13.25
CA ASP A 104 -10.92 -15.46 -11.92
C ASP A 104 -10.07 -16.70 -11.67
N VAL A 105 -9.65 -16.91 -10.41
CA VAL A 105 -8.77 -18.02 -10.01
C VAL A 105 -9.24 -18.69 -8.69
N PRO A 106 -9.22 -20.04 -8.57
CA PRO A 106 -9.61 -20.67 -7.29
C PRO A 106 -8.52 -20.65 -6.22
N TYR A 107 -8.91 -20.63 -4.94
CA TYR A 107 -7.98 -20.60 -3.80
C TYR A 107 -7.27 -21.95 -3.60
N LYS A 108 -8.05 -23.04 -3.46
CA LYS A 108 -7.49 -24.37 -3.25
C LYS A 108 -8.05 -25.43 -4.23
N PRO A 109 -7.39 -25.65 -5.39
CA PRO A 109 -7.83 -26.71 -6.31
C PRO A 109 -7.54 -28.06 -5.65
N GLN A 110 -8.50 -28.99 -5.65
CA GLN A 110 -8.33 -30.28 -4.96
C GLN A 110 -8.44 -31.50 -5.86
N GLU A 111 -7.54 -32.49 -5.62
CA GLU A 111 -7.49 -33.79 -6.30
C GLU A 111 -8.06 -34.85 -5.36
N TYR A 112 -9.06 -35.61 -5.83
CA TYR A 112 -9.72 -36.63 -5.03
C TYR A 112 -9.40 -38.06 -5.44
N HIS A 113 -9.09 -38.92 -4.45
CA HIS A 113 -8.81 -40.33 -4.66
C HIS A 113 -10.05 -41.16 -4.31
N VAL A 114 -10.38 -42.14 -5.16
CA VAL A 114 -11.54 -43.02 -4.97
C VAL A 114 -11.10 -44.49 -5.15
N THR A 115 -11.06 -45.25 -4.05
CA THR A 115 -10.67 -46.65 -4.06
C THR A 115 -11.91 -47.52 -4.28
N THR A 116 -12.11 -47.94 -5.55
CA THR A 116 -13.25 -48.78 -5.95
C THR A 116 -12.78 -50.01 -6.75
N ARG A 117 -13.74 -50.76 -7.33
CA ARG A 117 -13.43 -51.94 -8.13
C ARG A 117 -13.30 -51.53 -9.60
N LYS A 118 -14.29 -51.86 -10.46
CA LYS A 118 -14.26 -51.52 -11.88
C LYS A 118 -14.39 -50.02 -12.11
N CYS A 119 -13.40 -49.45 -12.83
CA CYS A 119 -13.33 -48.02 -13.15
C CYS A 119 -13.39 -47.78 -14.66
N GLU A 120 -14.02 -46.68 -15.05
CA GLU A 120 -14.20 -46.21 -16.43
C GLU A 120 -14.54 -44.71 -16.41
N PRO A 121 -13.99 -43.85 -17.31
CA PRO A 121 -14.31 -42.41 -17.27
C PRO A 121 -15.79 -42.10 -17.56
N ASP A 122 -16.51 -43.01 -18.22
CA ASP A 122 -17.93 -42.89 -18.55
C ASP A 122 -18.78 -43.75 -17.58
N ALA A 123 -18.44 -43.68 -16.26
CA ALA A 123 -19.12 -44.43 -15.20
C ALA A 123 -20.13 -43.58 -14.40
N GLY A 124 -20.87 -44.25 -13.51
CA GLY A 124 -21.90 -43.65 -12.66
C GLY A 124 -21.44 -43.37 -11.24
N PRO A 125 -22.18 -42.51 -10.48
CA PRO A 125 -21.77 -42.17 -9.10
C PRO A 125 -21.68 -43.32 -8.10
N ASP A 126 -22.26 -44.48 -8.42
CA ASP A 126 -22.25 -45.67 -7.58
C ASP A 126 -20.87 -46.34 -7.50
N ILE A 127 -20.04 -46.17 -8.56
CA ILE A 127 -18.70 -46.76 -8.63
C ILE A 127 -17.56 -45.71 -8.71
N VAL A 128 -17.90 -44.40 -8.72
CA VAL A 128 -16.90 -43.31 -8.73
C VAL A 128 -17.01 -42.43 -7.46
N GLN A 129 -18.09 -42.64 -6.66
CA GLN A 129 -18.39 -41.99 -5.39
C GLN A 129 -18.34 -40.44 -5.44
N ILE A 130 -17.30 -39.82 -4.82
CA ILE A 130 -17.13 -38.35 -4.73
C ILE A 130 -16.61 -37.72 -6.03
N CYS A 131 -15.97 -38.51 -6.92
CA CYS A 131 -15.44 -38.01 -8.20
C CYS A 131 -16.54 -37.48 -9.13
N GLU A 132 -17.30 -38.39 -9.79
CA GLU A 132 -18.39 -38.07 -10.72
C GLU A 132 -17.94 -37.21 -11.91
N ARG A 133 -18.87 -36.44 -12.52
CA ARG A 133 -18.63 -35.52 -13.64
C ARG A 133 -19.75 -34.48 -13.77
N LEU A 134 -19.40 -33.24 -14.14
CA LEU A 134 -20.37 -32.14 -14.30
C LEU A 134 -21.04 -32.17 -15.67
N ARG A 135 -22.38 -32.01 -15.68
CA ARG A 135 -23.21 -32.02 -16.89
C ARG A 135 -23.87 -30.66 -17.17
N ASP A 136 -23.13 -29.55 -16.90
CA ASP A 136 -23.62 -28.19 -17.10
C ASP A 136 -22.95 -27.53 -18.29
N ASN A 140 -26.22 -31.69 -21.94
CA ASN A 140 -24.90 -31.11 -21.68
C ASN A 140 -23.96 -32.10 -20.99
N VAL A 141 -22.69 -32.14 -21.44
CA VAL A 141 -21.64 -33.02 -20.91
C VAL A 141 -20.24 -32.39 -21.09
N LEU A 142 -19.33 -32.62 -20.11
CA LEU A 142 -17.96 -32.11 -20.14
C LEU A 142 -16.93 -33.25 -20.11
N GLU A 143 -16.19 -33.42 -21.23
CA GLU A 143 -15.18 -34.46 -21.43
C GLU A 143 -13.87 -34.29 -20.61
N GLN A 144 -13.65 -33.10 -20.04
CA GLN A 144 -12.46 -32.80 -19.25
C GLN A 144 -12.69 -32.94 -17.73
N THR A 145 -13.98 -33.05 -17.32
CA THR A 145 -14.38 -33.20 -15.92
C THR A 145 -14.35 -34.66 -15.45
N GLN A 146 -14.52 -35.63 -16.38
CA GLN A 146 -14.52 -37.08 -16.10
C GLN A 146 -13.19 -37.58 -15.47
N PRO A 147 -13.25 -38.46 -14.44
CA PRO A 147 -12.01 -38.90 -13.79
C PRO A 147 -11.13 -39.85 -14.60
N ILE A 148 -9.87 -40.02 -14.15
CA ILE A 148 -8.86 -40.88 -14.75
C ILE A 148 -8.65 -42.10 -13.85
N CYS A 149 -8.69 -43.31 -14.45
CA CYS A 149 -8.52 -44.57 -13.72
C CYS A 149 -7.07 -45.05 -13.78
N CYS A 150 -6.50 -45.38 -12.61
CA CYS A 150 -5.13 -45.85 -12.47
C CYS A 150 -5.09 -47.25 -11.84
N PRO A 151 -4.14 -48.14 -12.23
CA PRO A 151 -4.09 -49.49 -11.63
C PRO A 151 -3.76 -49.51 -10.14
N CYS A 152 -4.19 -50.58 -9.46
CA CYS A 152 -4.02 -50.81 -8.03
C CYS A 152 -2.57 -51.16 -7.64
N GLY A 153 -2.28 -51.11 -6.34
CA GLY A 153 -0.98 -51.47 -5.78
C GLY A 153 -0.03 -50.33 -5.44
N PRO A 154 1.21 -50.65 -5.02
CA PRO A 154 2.18 -49.60 -4.69
C PRO A 154 2.90 -49.06 -5.94
N GLN A 155 3.86 -48.10 -5.76
CA GLN A 155 4.63 -47.44 -6.82
C GLN A 155 3.77 -46.54 -7.74
N ARG A 156 2.43 -46.61 -7.59
CA ARG A 156 1.44 -45.83 -8.32
C ARG A 156 1.16 -44.48 -7.61
N ARG A 157 0.34 -43.61 -8.23
CA ARG A 157 -0.05 -42.29 -7.72
C ARG A 157 -0.68 -42.41 -6.32
N MET A 158 -1.64 -43.32 -6.15
CA MET A 158 -2.31 -43.61 -4.88
C MET A 158 -1.94 -45.04 -4.45
N PRO A 159 -1.34 -45.23 -3.25
CA PRO A 159 -1.01 -46.60 -2.82
C PRO A 159 -2.26 -47.37 -2.37
N SER A 160 -2.51 -48.53 -2.98
CA SER A 160 -3.67 -49.37 -2.69
C SER A 160 -3.32 -50.87 -2.67
N SER A 161 -4.36 -51.72 -2.58
CA SER A 161 -4.26 -53.18 -2.57
C SER A 161 -5.15 -53.76 -3.67
N CYS A 162 -4.60 -54.71 -4.46
CA CYS A 162 -5.32 -55.36 -5.57
C CYS A 162 -6.28 -56.46 -5.10
N GLY A 163 -6.14 -56.88 -3.85
CA GLY A 163 -6.97 -57.93 -3.25
C GLY A 163 -6.63 -59.32 -3.74
N ASP A 164 -7.63 -60.22 -3.72
CA ASP A 164 -7.48 -61.60 -4.16
C ASP A 164 -8.15 -61.85 -5.52
N ILE A 165 -7.70 -62.93 -6.21
CA ILE A 165 -8.17 -63.37 -7.53
C ILE A 165 -9.69 -63.68 -7.54
N PHE A 166 -10.19 -64.31 -6.47
CA PHE A 166 -11.60 -64.69 -6.33
C PHE A 166 -12.54 -63.49 -6.13
N ASP A 167 -12.06 -62.44 -5.44
CA ASP A 167 -12.80 -61.18 -5.23
C ASP A 167 -12.80 -60.38 -6.53
N LYS A 168 -11.71 -60.51 -7.32
CA LYS A 168 -11.50 -59.86 -8.61
C LYS A 168 -12.37 -60.52 -9.69
N MET A 169 -12.55 -61.85 -9.62
CA MET A 169 -13.33 -62.63 -10.59
C MET A 169 -14.84 -62.37 -10.57
N ILE A 170 -15.37 -61.75 -9.51
CA ILE A 170 -16.80 -61.44 -9.41
C ILE A 170 -17.06 -59.92 -9.43
N LYS A 171 -16.46 -59.17 -8.50
CA LYS A 171 -16.64 -57.71 -8.37
C LYS A 171 -15.98 -56.91 -9.49
N GLY A 172 -14.83 -57.38 -9.99
CA GLY A 172 -14.07 -56.74 -11.06
C GLY A 172 -12.63 -56.44 -10.68
N LYS A 173 -11.85 -55.94 -11.67
CA LYS A 173 -10.44 -55.57 -11.46
C LYS A 173 -10.39 -54.28 -10.63
N ALA A 174 -9.56 -54.26 -9.57
CA ALA A 174 -9.40 -53.10 -8.69
C ALA A 174 -8.68 -51.94 -9.37
N ASN A 175 -9.27 -50.74 -9.29
CA ASN A 175 -8.74 -49.51 -9.89
C ASN A 175 -8.99 -48.31 -8.96
N THR A 176 -8.15 -47.26 -9.10
CA THR A 176 -8.26 -46.03 -8.33
C THR A 176 -8.65 -44.89 -9.26
N ALA A 177 -9.66 -44.10 -8.85
CA ALA A 177 -10.15 -42.96 -9.63
C ALA A 177 -9.57 -41.65 -9.10
N HIS A 178 -9.05 -40.83 -10.02
CA HIS A 178 -8.46 -39.53 -9.69
C HIS A 178 -9.17 -38.43 -10.48
N CYS A 179 -9.61 -37.38 -9.77
CA CYS A 179 -10.35 -36.26 -10.37
C CYS A 179 -9.93 -34.91 -9.80
N LEU A 180 -10.04 -33.86 -10.63
CA LEU A 180 -9.73 -32.47 -10.26
C LEU A 180 -11.03 -31.69 -10.09
N ARG A 181 -11.23 -31.11 -8.89
CA ARG A 181 -12.41 -30.30 -8.57
C ARG A 181 -11.95 -29.00 -7.94
N PHE A 182 -12.78 -27.93 -8.03
CA PHE A 182 -12.42 -26.63 -7.48
C PHE A 182 -13.37 -26.17 -6.35
N PRO A 183 -13.27 -26.74 -5.12
CA PRO A 183 -14.15 -26.30 -4.03
C PRO A 183 -13.56 -25.15 -3.22
N GLY A 184 -14.42 -24.46 -2.46
CA GLY A 184 -14.01 -23.35 -1.60
C GLY A 184 -13.96 -22.00 -2.26
N ASP A 185 -13.18 -21.08 -1.65
CA ASP A 185 -12.99 -19.69 -2.07
C ASP A 185 -12.41 -19.50 -3.46
N TRP A 186 -12.72 -18.34 -4.07
CA TRP A 186 -12.24 -17.89 -5.38
C TRP A 186 -11.70 -16.47 -5.28
N PHE A 187 -10.78 -16.10 -6.19
CA PHE A 187 -10.10 -14.81 -6.19
C PHE A 187 -10.06 -14.14 -7.57
N HIS A 188 -10.01 -12.79 -7.56
CA HIS A 188 -9.93 -11.93 -8.75
C HIS A 188 -8.47 -11.65 -9.07
N VAL A 189 -8.06 -11.79 -10.36
CA VAL A 189 -6.68 -11.51 -10.76
C VAL A 189 -6.62 -10.21 -11.57
N PHE A 190 -5.95 -9.19 -11.00
CA PHE A 190 -5.79 -7.86 -11.60
C PHE A 190 -4.36 -7.52 -11.95
N GLY A 191 -4.18 -6.85 -13.08
CA GLY A 191 -2.89 -6.40 -13.58
C GLY A 191 -2.59 -4.99 -13.16
N ILE A 192 -1.50 -4.81 -12.39
CA ILE A 192 -1.08 -3.49 -11.91
C ILE A 192 -0.39 -2.70 -13.02
N GLY A 193 -0.99 -1.57 -13.38
CA GLY A 193 -0.51 -0.67 -14.42
C GLY A 193 0.27 0.49 -13.85
N GLN A 194 -0.15 1.73 -14.20
CA GLN A 194 0.50 2.95 -13.72
C GLN A 194 0.12 3.32 -12.29
N ARG A 195 1.04 4.02 -11.60
CA ARG A 195 0.86 4.50 -10.23
C ARG A 195 0.59 6.00 -10.27
N SER A 196 -0.51 6.43 -9.62
CA SER A 196 -0.94 7.81 -9.56
C SER A 196 -0.90 8.33 -8.12
N LEU A 197 -0.19 9.46 -7.89
CA LEU A 197 -0.06 10.09 -6.57
C LEU A 197 -1.24 11.03 -6.36
N GLY A 198 -1.94 10.87 -5.25
CA GLY A 198 -3.11 11.67 -4.92
C GLY A 198 -3.06 12.31 -3.55
N PHE A 199 -3.64 13.53 -3.45
CA PHE A 199 -3.75 14.36 -2.24
C PHE A 199 -4.69 15.56 -2.46
N SER A 200 -4.90 16.39 -1.40
CA SER A 200 -5.74 17.59 -1.44
C SER A 200 -5.10 18.74 -0.68
N VAL A 201 -5.09 19.93 -1.31
CA VAL A 201 -4.54 21.19 -0.79
C VAL A 201 -5.68 22.19 -0.60
N ARG A 202 -5.95 22.56 0.66
CA ARG A 202 -7.00 23.50 1.06
C ARG A 202 -6.37 24.88 1.26
N VAL A 203 -6.86 25.89 0.53
CA VAL A 203 -6.39 27.28 0.61
C VAL A 203 -7.52 28.14 1.19
N GLU A 204 -7.32 28.60 2.44
CA GLU A 204 -8.29 29.41 3.18
C GLU A 204 -7.94 30.90 3.08
N LEU A 205 -8.91 31.71 2.63
CA LEU A 205 -8.77 33.16 2.45
C LEU A 205 -9.83 33.91 3.27
N LYS A 206 -9.38 34.91 4.05
CA LYS A 206 -10.23 35.75 4.88
C LYS A 206 -10.17 37.20 4.39
N THR A 207 -11.12 37.58 3.50
CA THR A 207 -11.22 38.94 2.93
C THR A 207 -11.54 39.96 4.03
N GLY A 208 -12.44 39.56 4.92
CA GLY A 208 -12.86 40.33 6.09
C GLY A 208 -13.04 39.41 7.27
N THR A 209 -14.30 39.06 7.56
CA THR A 209 -14.66 38.13 8.63
C THR A 209 -15.31 36.88 7.98
N ARG A 210 -15.31 36.84 6.62
CA ARG A 210 -15.85 35.76 5.81
C ARG A 210 -14.77 34.91 5.12
N VAL A 211 -14.87 33.58 5.27
CA VAL A 211 -13.94 32.57 4.73
C VAL A 211 -14.33 32.07 3.33
N SER A 212 -13.31 31.73 2.52
CA SER A 212 -13.45 31.19 1.17
C SER A 212 -12.47 30.02 0.98
N GLU A 213 -12.99 28.82 0.66
CA GLU A 213 -12.18 27.62 0.50
C GLU A 213 -11.85 27.29 -0.95
N VAL A 214 -10.58 26.94 -1.20
CA VAL A 214 -10.05 26.55 -2.51
C VAL A 214 -9.38 25.18 -2.38
N ILE A 215 -9.93 24.16 -3.07
CA ILE A 215 -9.41 22.78 -3.04
C ILE A 215 -8.60 22.50 -4.32
N ILE A 216 -7.28 22.29 -4.14
CA ILE A 216 -6.30 22.04 -5.19
C ILE A 216 -5.67 20.65 -5.06
N GLY A 217 -5.63 19.90 -6.16
CA GLY A 217 -5.04 18.57 -6.20
C GLY A 217 -4.54 18.21 -7.59
N PRO A 218 -4.09 16.95 -7.83
CA PRO A 218 -3.62 16.59 -9.18
C PRO A 218 -4.76 16.58 -10.22
N GLU A 219 -6.01 16.43 -9.75
CA GLU A 219 -7.23 16.41 -10.56
C GLU A 219 -7.67 17.83 -10.97
N ASN A 220 -7.54 18.80 -10.05
CA ASN A 220 -7.90 20.22 -10.21
C ASN A 220 -6.74 21.00 -9.61
N ARG A 221 -5.76 21.40 -10.44
CA ARG A 221 -4.53 22.07 -9.98
C ARG A 221 -4.42 23.56 -10.34
N THR A 222 -5.52 24.18 -10.83
CA THR A 222 -5.56 25.61 -11.17
C THR A 222 -6.86 26.25 -10.67
N ALA A 223 -6.76 27.31 -9.85
CA ALA A 223 -7.93 28.02 -9.30
C ALA A 223 -7.71 29.51 -9.03
N THR A 224 -8.81 30.29 -9.09
CA THR A 224 -8.84 31.73 -8.83
C THR A 224 -10.00 32.07 -7.88
N ALA A 225 -9.77 33.01 -6.94
CA ALA A 225 -10.79 33.39 -5.94
C ALA A 225 -10.93 34.90 -5.71
N ASN A 226 -12.15 35.32 -5.29
CA ASN A 226 -12.58 36.68 -4.95
C ASN A 226 -12.14 37.76 -5.96
N ASP A 227 -12.83 37.80 -7.12
CA ASP A 227 -12.63 38.74 -8.24
C ASP A 227 -11.16 38.84 -8.71
N ASN A 228 -10.56 37.69 -9.06
CA ASN A 228 -9.18 37.52 -9.57
C ASN A 228 -8.07 38.05 -8.62
N PHE A 229 -8.35 38.16 -7.30
CA PHE A 229 -7.37 38.60 -6.30
C PHE A 229 -6.34 37.50 -6.01
N LEU A 230 -6.82 36.24 -5.92
CA LEU A 230 -6.03 35.05 -5.65
C LEU A 230 -5.84 34.20 -6.90
N LYS A 231 -4.64 33.62 -7.06
CA LYS A 231 -4.30 32.72 -8.16
C LYS A 231 -3.46 31.60 -7.58
N VAL A 232 -4.04 30.40 -7.46
CA VAL A 232 -3.35 29.25 -6.91
C VAL A 232 -3.03 28.27 -8.04
N ASN A 233 -1.75 27.96 -8.23
CA ASN A 233 -1.30 27.03 -9.26
C ASN A 233 -0.34 25.99 -8.69
N LEU A 234 -0.66 24.70 -8.94
CA LEU A 234 0.13 23.56 -8.49
C LEU A 234 1.07 23.13 -9.61
N ILE A 235 2.36 23.45 -9.44
CA ILE A 235 3.40 23.17 -10.42
C ILE A 235 3.79 21.69 -10.40
N GLY A 236 4.23 21.20 -9.25
CA GLY A 236 4.63 19.82 -9.06
C GLY A 236 5.06 19.53 -7.63
N ASP A 237 5.84 18.46 -7.45
CA ASP A 237 6.34 18.04 -6.16
C ASP A 237 7.86 18.10 -6.13
N PHE A 238 8.42 18.34 -4.95
CA PHE A 238 9.86 18.35 -4.75
C PHE A 238 10.30 16.93 -4.38
N GLY A 239 11.26 16.40 -5.13
CA GLY A 239 11.78 15.05 -5.00
C GLY A 239 12.07 14.57 -3.60
N GLY A 240 11.44 13.46 -3.23
CA GLY A 240 11.60 12.80 -1.94
C GLY A 240 12.88 11.98 -1.88
N TYR A 241 13.13 11.34 -0.74
CA TYR A 241 14.33 10.54 -0.55
C TYR A 241 13.99 9.09 -0.19
N THR A 242 12.73 8.70 -0.44
CA THR A 242 12.18 7.36 -0.21
C THR A 242 11.31 7.01 -1.41
N SER A 243 11.49 5.79 -1.95
CA SER A 243 10.77 5.29 -3.10
C SER A 243 9.36 4.81 -2.77
N ILE A 244 8.48 4.80 -3.78
CA ILE A 244 7.10 4.31 -3.70
C ILE A 244 7.02 3.09 -4.65
N PRO A 245 6.57 1.90 -4.19
CA PRO A 245 6.54 0.72 -5.06
C PRO A 245 5.70 0.85 -6.32
N SER A 246 6.15 0.21 -7.42
CA SER A 246 5.46 0.24 -8.70
C SER A 246 4.62 -1.01 -8.96
N PHE A 247 5.06 -2.17 -8.41
CA PHE A 247 4.43 -3.49 -8.53
C PHE A 247 4.25 -3.95 -9.98
N GLU A 248 5.19 -3.54 -10.87
CA GLU A 248 5.24 -3.79 -12.30
C GLU A 248 4.91 -5.23 -12.72
N ASP A 249 5.78 -6.20 -12.34
CA ASP A 249 5.63 -7.62 -12.69
C ASP A 249 4.77 -8.43 -11.69
N PHE A 250 3.89 -7.74 -10.96
CA PHE A 250 3.01 -8.39 -9.97
C PHE A 250 1.54 -8.28 -10.36
N TYR A 251 0.73 -9.21 -9.82
CA TYR A 251 -0.72 -9.27 -9.97
C TYR A 251 -1.33 -9.19 -8.57
N LEU A 252 -2.50 -8.56 -8.46
CA LEU A 252 -3.20 -8.41 -7.18
C LEU A 252 -4.37 -9.39 -7.12
N VAL A 253 -4.36 -10.25 -6.08
CA VAL A 253 -5.43 -11.20 -5.86
C VAL A 253 -6.38 -10.68 -4.79
N ILE A 254 -7.66 -10.52 -5.15
CA ILE A 254 -8.71 -10.00 -4.28
C ILE A 254 -9.77 -11.11 -4.07
N PRO A 255 -10.13 -11.45 -2.80
CA PRO A 255 -11.18 -12.46 -2.59
C PRO A 255 -12.54 -12.03 -3.17
N ARG A 256 -13.34 -13.01 -3.65
CA ARG A 256 -14.65 -12.81 -4.27
C ARG A 256 -15.65 -12.11 -3.34
N GLU A 257 -16.31 -11.06 -3.87
CA GLU A 257 -17.28 -10.23 -3.16
C GLU A 257 -18.63 -10.92 -3.05
N LEU A 267 -9.69 -17.49 10.24
CA LEU A 267 -9.42 -17.51 8.80
C LEU A 267 -8.27 -16.56 8.44
N GLY A 268 -8.46 -15.26 8.71
CA GLY A 268 -7.48 -14.21 8.43
C GLY A 268 -8.08 -12.83 8.33
N ALA A 269 -7.24 -11.80 8.53
CA ALA A 269 -7.60 -10.37 8.49
C ALA A 269 -8.12 -9.89 7.11
N ASN A 270 -8.70 -8.66 7.07
CA ASN A 270 -9.31 -8.01 5.89
C ASN A 270 -8.40 -7.97 4.65
N TYR A 271 -7.23 -7.31 4.75
CA TYR A 271 -6.28 -7.19 3.64
C TYR A 271 -5.14 -8.23 3.69
N SER A 272 -5.20 -9.19 4.64
CA SER A 272 -4.20 -10.26 4.74
C SER A 272 -4.46 -11.32 3.66
N MET A 273 -5.70 -11.37 3.15
CA MET A 273 -6.13 -12.26 2.06
C MET A 273 -5.79 -11.65 0.72
N TRP A 274 -5.52 -10.33 0.71
CA TRP A 274 -5.11 -9.56 -0.47
C TRP A 274 -3.60 -9.77 -0.63
N MET A 275 -3.19 -10.40 -1.76
CA MET A 275 -1.78 -10.68 -2.01
C MET A 275 -1.25 -10.12 -3.33
N LEU A 276 0.05 -9.77 -3.33
CA LEU A 276 0.79 -9.27 -4.49
C LEU A 276 1.77 -10.37 -4.92
N LEU A 277 1.39 -11.13 -5.96
CA LEU A 277 2.18 -12.24 -6.48
C LEU A 277 2.69 -11.97 -7.88
N GLU A 278 3.92 -12.44 -8.18
CA GLU A 278 4.59 -12.27 -9.47
C GLU A 278 3.78 -12.87 -10.61
N ARG A 279 3.81 -12.19 -11.78
CA ARG A 279 3.09 -12.56 -13.01
C ARG A 279 3.41 -13.97 -13.53
N VAL A 280 4.68 -14.41 -13.36
CA VAL A 280 5.20 -15.71 -13.78
C VAL A 280 4.57 -16.86 -12.97
N ARG A 281 4.10 -16.57 -11.73
CA ARG A 281 3.46 -17.55 -10.83
C ARG A 281 2.06 -17.99 -11.29
N PHE A 282 1.44 -17.22 -12.20
CA PHE A 282 0.09 -17.49 -12.72
C PHE A 282 0.08 -18.15 -14.09
N THR A 283 -0.95 -18.97 -14.34
CA THR A 283 -1.21 -19.63 -15.63
C THR A 283 -2.62 -19.22 -16.12
N LEU A 284 -2.71 -18.00 -16.69
CA LEU A 284 -3.92 -17.36 -17.21
C LEU A 284 -4.63 -18.21 -18.26
N ASP A 285 -3.86 -18.98 -19.04
CA ASP A 285 -4.34 -19.90 -20.09
C ASP A 285 -4.84 -21.23 -19.50
N GLY A 286 -4.44 -21.54 -18.27
CA GLY A 286 -4.80 -22.77 -17.55
C GLY A 286 -4.20 -24.03 -18.14
N LEU A 287 -3.13 -23.90 -18.94
CA LEU A 287 -2.44 -25.00 -19.60
C LEU A 287 -1.15 -25.45 -18.90
N GLU A 288 -0.69 -24.69 -17.90
CA GLU A 288 0.54 -25.02 -17.16
C GLU A 288 0.24 -25.64 -15.82
N CYS A 289 1.05 -26.63 -15.43
CA CYS A 289 0.94 -27.32 -14.15
C CYS A 289 1.70 -26.56 -13.06
N ASN A 290 1.33 -26.79 -11.78
CA ASN A 290 1.93 -26.23 -10.56
C ASN A 290 2.05 -24.69 -10.55
N LYS A 291 1.11 -24.00 -11.23
CA LYS A 291 1.02 -22.54 -11.30
C LYS A 291 -0.40 -22.11 -10.97
N ILE A 292 -0.57 -20.91 -10.38
CA ILE A 292 -1.86 -20.35 -9.96
C ILE A 292 -2.83 -20.21 -11.15
N GLY A 293 -3.93 -20.96 -11.08
CA GLY A 293 -4.97 -20.96 -12.10
C GLY A 293 -4.94 -22.14 -13.07
N VAL A 294 -4.77 -23.36 -12.52
CA VAL A 294 -4.72 -24.62 -13.30
C VAL A 294 -6.10 -24.96 -13.87
N GLY A 295 -6.09 -25.58 -15.05
CA GLY A 295 -7.29 -26.05 -15.74
C GLY A 295 -7.35 -27.56 -15.76
N TYR A 296 -8.50 -28.11 -16.18
CA TYR A 296 -8.71 -29.56 -16.27
C TYR A 296 -7.78 -30.16 -17.33
N GLU A 297 -7.60 -29.45 -18.46
CA GLU A 297 -6.76 -29.84 -19.60
C GLU A 297 -5.29 -30.06 -19.22
N ALA A 298 -4.74 -29.20 -18.35
CA ALA A 298 -3.36 -29.29 -17.86
C ALA A 298 -3.18 -30.53 -16.98
N PHE A 299 -4.16 -30.81 -16.11
CA PHE A 299 -4.17 -31.95 -15.18
C PHE A 299 -4.36 -33.28 -15.91
N ASN A 300 -5.31 -33.35 -16.86
CA ASN A 300 -5.59 -34.57 -17.64
C ASN A 300 -4.43 -34.90 -18.57
N THR A 301 -3.88 -33.89 -19.28
CA THR A 301 -2.72 -34.05 -20.16
C THR A 301 -1.47 -33.88 -19.30
N GLN A 302 -1.13 -34.93 -18.54
CA GLN A 302 0.00 -34.96 -17.61
C GLN A 302 1.00 -36.05 -18.00
N PRO A 303 2.34 -35.81 -17.87
CA PRO A 303 3.29 -36.89 -18.21
C PRO A 303 3.34 -37.97 -17.13
N ASN A 304 2.99 -39.22 -17.51
CA ASN A 304 2.95 -40.42 -16.66
C ASN A 304 2.10 -40.18 -15.40
N PHE A 305 0.78 -39.96 -15.60
CA PHE A 305 -0.21 -39.67 -14.57
C PHE A 305 -0.27 -40.70 -13.44
N CYS A 306 -0.24 -42.00 -13.76
CA CYS A 306 -0.32 -43.06 -12.77
C CYS A 306 1.05 -43.34 -12.12
N SER A 307 2.15 -42.83 -12.71
CA SER A 307 3.53 -43.00 -12.21
C SER A 307 3.98 -41.82 -11.31
N SER A 308 3.53 -40.59 -11.64
CA SER A 308 3.85 -39.35 -10.91
C SER A 308 3.18 -39.30 -9.52
N PRO A 309 3.82 -38.69 -8.49
CA PRO A 309 3.20 -38.65 -7.15
C PRO A 309 1.87 -37.93 -7.04
N TYR A 310 1.15 -38.13 -5.92
CA TYR A 310 -0.15 -37.52 -5.65
C TYR A 310 -0.02 -36.00 -5.48
N TRP A 311 -1.11 -35.25 -5.82
CA TRP A 311 -1.23 -33.79 -5.75
C TRP A 311 -0.32 -33.07 -6.78
N SER A 312 0.16 -33.79 -7.81
CA SER A 312 0.97 -33.24 -8.89
C SER A 312 0.09 -32.36 -9.76
N CYS A 313 0.68 -31.31 -10.40
CA CYS A 313 -0.01 -30.32 -11.23
C CYS A 313 -0.89 -29.37 -10.35
N LEU A 314 -0.90 -29.61 -9.03
CA LEU A 314 -1.67 -28.86 -8.03
C LEU A 314 -0.78 -28.21 -6.95
N HIS A 315 0.46 -27.85 -7.32
CA HIS A 315 1.40 -27.21 -6.40
C HIS A 315 1.41 -25.69 -6.62
N ASN A 316 2.07 -24.94 -5.71
CA ASN A 316 2.26 -23.48 -5.74
C ASN A 316 0.96 -22.70 -5.99
N GLN A 317 -0.09 -23.01 -5.22
CA GLN A 317 -1.39 -22.35 -5.34
C GLN A 317 -1.55 -21.28 -4.26
N LEU A 318 -2.64 -20.49 -4.33
CA LEU A 318 -2.93 -19.40 -3.39
C LEU A 318 -2.83 -19.78 -1.91
N TRP A 319 -3.29 -20.99 -1.55
CA TRP A 319 -3.25 -21.50 -0.18
C TRP A 319 -1.82 -21.73 0.31
N ASN A 320 -0.90 -22.12 -0.60
CA ASN A 320 0.52 -22.35 -0.29
C ASN A 320 1.20 -21.03 0.06
N PHE A 321 0.84 -19.94 -0.66
CA PHE A 321 1.40 -18.60 -0.43
C PHE A 321 0.82 -17.93 0.81
N ARG A 322 -0.46 -18.21 1.13
CA ARG A 322 -1.13 -17.69 2.31
C ARG A 322 -0.53 -18.36 3.56
N GLU A 323 -0.31 -19.70 3.50
CA GLU A 323 0.26 -20.50 4.60
C GLU A 323 1.70 -20.10 4.93
N SER A 324 2.51 -19.76 3.90
CA SER A 324 3.90 -19.32 4.07
C SER A 324 3.99 -17.98 4.81
N ASP A 325 2.94 -17.13 4.65
CA ASP A 325 2.83 -15.83 5.33
C ASP A 325 2.47 -16.07 6.80
N ILE A 326 1.50 -16.99 7.06
CA ILE A 326 1.03 -17.38 8.40
C ILE A 326 2.20 -17.90 9.25
N ASN A 327 3.08 -18.74 8.66
CA ASN A 327 4.27 -19.29 9.31
C ASN A 327 5.29 -18.20 9.65
N ARG A 328 5.38 -17.17 8.78
CA ARG A 328 6.28 -16.02 8.94
C ARG A 328 5.73 -15.08 10.02
N ILE A 329 4.39 -14.90 10.06
CA ILE A 329 3.67 -14.07 11.04
C ILE A 329 3.71 -14.74 12.44
N ASP A 330 3.63 -16.08 12.50
CA ASP A 330 3.68 -16.86 13.74
C ASP A 330 5.06 -16.75 14.40
N ARG A 331 6.12 -16.55 13.59
CA ARG A 331 7.49 -16.37 14.04
C ARG A 331 7.79 -14.86 14.27
N HIS A 332 6.72 -14.02 14.22
CA HIS A 332 6.69 -12.57 14.41
C HIS A 332 7.62 -11.82 13.41
N GLN A 333 7.43 -12.11 12.11
CA GLN A 333 8.16 -11.52 11.00
C GLN A 333 7.20 -10.97 9.91
N LEU A 334 7.70 -10.04 9.07
CA LEU A 334 6.95 -9.38 8.00
C LEU A 334 6.50 -10.38 6.91
N PRO A 335 5.23 -10.35 6.45
CA PRO A 335 4.79 -11.29 5.39
C PRO A 335 5.41 -10.97 4.03
N LEU A 336 5.50 -11.97 3.14
CA LEU A 336 6.09 -11.82 1.81
C LEU A 336 5.09 -11.49 0.71
N TYR A 337 3.86 -12.03 0.80
CA TYR A 337 2.83 -11.83 -0.23
C TYR A 337 1.64 -10.99 0.22
N GLY A 338 1.16 -11.25 1.45
CA GLY A 338 0.03 -10.54 2.04
C GLY A 338 0.27 -9.06 2.22
N LEU A 339 -0.76 -8.24 1.93
CA LEU A 339 -0.70 -6.78 2.02
C LEU A 339 -0.54 -6.25 3.44
N GLU A 340 -1.41 -6.70 4.37
CA GLU A 340 -1.41 -6.27 5.77
C GLU A 340 -0.12 -6.67 6.50
N GLY A 341 0.51 -5.67 7.11
CA GLY A 341 1.75 -5.84 7.86
C GLY A 341 2.91 -5.06 7.30
N ARG A 342 3.01 -4.99 5.96
CA ARG A 342 4.08 -4.27 5.27
C ARG A 342 3.68 -2.88 4.77
N PHE A 343 2.39 -2.69 4.39
CA PHE A 343 1.93 -1.39 3.89
C PHE A 343 0.95 -0.70 4.85
N GLU A 344 1.11 0.62 4.96
CA GLU A 344 0.32 1.50 5.82
C GLU A 344 -0.79 2.17 5.02
N ARG A 345 -1.99 2.27 5.64
CA ARG A 345 -3.21 2.90 5.09
C ARG A 345 -3.64 2.28 3.75
N ILE A 346 -4.10 1.03 3.78
CA ILE A 346 -4.55 0.32 2.57
C ILE A 346 -5.99 0.69 2.26
N ASN A 347 -6.25 1.16 1.01
CA ASN A 347 -7.54 1.58 0.47
C ASN A 347 -8.30 2.61 1.35
N GLN A 348 -7.55 3.53 1.97
CA GLN A 348 -8.11 4.59 2.82
C GLN A 348 -8.26 5.91 2.05
N HIS A 349 -8.14 5.84 0.70
CA HIS A 349 -8.22 6.95 -0.24
C HIS A 349 -9.68 7.37 -0.55
N PRO A 350 -9.95 8.65 -0.90
CA PRO A 350 -11.34 9.03 -1.25
C PRO A 350 -11.75 8.46 -2.61
N ASN A 351 -13.08 8.29 -2.83
CA ASN A 351 -13.70 7.71 -4.04
C ASN A 351 -13.28 6.23 -4.24
N ALA A 352 -13.11 5.51 -3.10
CA ALA A 352 -12.70 4.10 -3.03
C ALA A 352 -13.75 3.12 -3.54
N GLY A 353 -13.32 1.85 -3.70
CA GLY A 353 -14.17 0.76 -4.16
C GLY A 353 -13.59 -0.62 -3.90
N PRO A 354 -14.37 -1.71 -4.17
CA PRO A 354 -13.83 -3.06 -3.93
C PRO A 354 -12.74 -3.49 -4.91
N HIS A 355 -12.84 -3.01 -6.16
CA HIS A 355 -11.89 -3.28 -7.24
C HIS A 355 -11.03 -2.03 -7.45
N SER A 356 -10.37 -1.60 -6.35
CA SER A 356 -9.50 -0.43 -6.28
C SER A 356 -8.35 -0.74 -5.33
N PHE A 357 -7.13 -0.31 -5.67
CA PHE A 357 -5.97 -0.53 -4.84
C PHE A 357 -5.10 0.72 -4.69
N SER A 358 -4.75 1.05 -3.43
CA SER A 358 -3.92 2.19 -3.07
C SER A 358 -3.25 2.01 -1.72
N ILE A 359 -1.99 2.46 -1.62
CA ILE A 359 -1.18 2.42 -0.39
C ILE A 359 -0.82 3.84 0.03
N GLY A 360 -0.75 4.06 1.34
CA GLY A 360 -0.41 5.36 1.90
C GLY A 360 1.07 5.66 1.81
N VAL A 361 1.41 6.88 1.37
CA VAL A 361 2.80 7.36 1.26
C VAL A 361 3.21 7.83 2.66
N THR A 362 4.04 7.03 3.34
CA THR A 362 4.52 7.29 4.71
C THR A 362 5.47 8.48 4.80
N GLU A 363 6.24 8.75 3.73
CA GLU A 363 7.19 9.86 3.65
C GLU A 363 6.47 11.20 3.46
N THR A 364 6.97 12.26 4.13
CA THR A 364 6.44 13.62 4.02
C THR A 364 6.98 14.21 2.70
N LEU A 365 6.08 14.72 1.84
CA LEU A 365 6.46 15.29 0.54
C LEU A 365 6.17 16.78 0.46
N ASN A 366 7.17 17.57 0.01
CA ASN A 366 7.03 19.01 -0.16
C ASN A 366 6.44 19.28 -1.55
N THR A 367 5.22 19.81 -1.58
CA THR A 367 4.45 20.10 -2.77
C THR A 367 4.64 21.56 -3.17
N ASN A 368 5.16 21.80 -4.39
CA ASN A 368 5.40 23.16 -4.89
C ASN A 368 4.11 23.86 -5.36
N LEU A 369 3.64 24.80 -4.53
CA LEU A 369 2.44 25.60 -4.78
C LEU A 369 2.83 27.04 -5.07
N MET A 370 2.08 27.70 -5.97
CA MET A 370 2.34 29.09 -6.31
C MET A 370 1.09 29.94 -6.09
N ILE A 371 1.17 30.88 -5.14
CA ILE A 371 0.11 31.82 -4.81
C ILE A 371 0.48 33.19 -5.37
N GLU A 372 -0.33 33.71 -6.30
CA GLU A 372 -0.15 34.99 -6.97
C GLU A 372 -1.27 35.94 -6.51
N LEU A 373 -0.92 36.91 -5.65
CA LEU A 373 -1.88 37.85 -5.08
C LEU A 373 -1.90 39.23 -5.74
N ARG A 374 -3.06 39.91 -5.65
CA ARG A 374 -3.28 41.26 -6.14
C ARG A 374 -3.10 42.20 -4.93
N ALA A 375 -1.85 42.33 -4.46
CA ALA A 375 -1.45 43.16 -3.31
C ALA A 375 -0.12 43.88 -3.57
N ASP A 376 0.31 44.75 -2.64
CA ASP A 376 1.57 45.49 -2.76
C ASP A 376 2.74 44.74 -2.12
N ASP A 377 2.53 44.16 -0.92
CA ASP A 377 3.55 43.41 -0.19
C ASP A 377 2.94 42.24 0.60
N ILE A 378 3.78 41.51 1.36
CA ILE A 378 3.37 40.34 2.13
C ILE A 378 4.14 40.23 3.46
N GLU A 379 3.44 39.79 4.52
CA GLU A 379 3.98 39.54 5.85
C GLU A 379 3.71 38.09 6.21
N TYR A 380 4.76 37.37 6.64
CA TYR A 380 4.67 35.95 7.04
C TYR A 380 4.69 35.80 8.55
N VAL A 381 3.53 35.43 9.13
CA VAL A 381 3.36 35.26 10.57
C VAL A 381 3.30 33.76 10.94
N PHE A 382 4.38 33.25 11.53
CA PHE A 382 4.48 31.85 11.93
C PHE A 382 4.31 31.70 13.45
N GLN A 383 3.90 30.50 13.90
CA GLN A 383 3.70 30.20 15.32
C GLN A 383 4.79 29.29 15.87
N ARG A 384 5.26 29.60 17.10
CA ARG A 384 6.31 28.88 17.82
C ARG A 384 5.82 28.50 19.23
N SER A 385 5.99 27.23 19.61
CA SER A 385 5.59 26.71 20.92
C SER A 385 6.56 25.61 21.37
N PRO A 386 7.18 25.71 22.59
CA PRO A 386 8.13 24.66 23.02
C PRO A 386 7.50 23.29 23.24
N GLY A 387 8.31 22.24 23.12
CA GLY A 387 7.89 20.85 23.29
C GLY A 387 8.91 19.99 23.99
N LYS A 388 8.45 18.90 24.63
CA LYS A 388 9.32 17.97 25.35
C LYS A 388 9.03 16.52 24.99
N ILE A 389 10.11 15.70 24.92
CA ILE A 389 10.03 14.26 24.61
C ILE A 389 9.59 13.56 25.91
N ILE A 390 8.43 12.90 25.87
CA ILE A 390 7.88 12.19 27.04
C ILE A 390 8.67 10.91 27.28
N ASN A 391 8.49 9.87 26.42
CA ASN A 391 9.20 8.59 26.55
C ASN A 391 9.37 7.86 25.22
N ILE A 392 10.55 7.23 25.03
CA ILE A 392 10.90 6.45 23.85
C ILE A 392 10.74 4.96 24.20
N ALA A 393 9.91 4.24 23.44
CA ALA A 393 9.66 2.82 23.65
C ALA A 393 10.16 1.96 22.50
N ILE A 394 11.34 1.32 22.69
CA ILE A 394 11.95 0.43 21.69
C ILE A 394 11.99 -1.01 22.22
N PRO A 395 11.22 -1.95 21.64
CA PRO A 395 11.29 -3.34 22.13
C PRO A 395 12.49 -4.10 21.57
N THR A 396 12.92 -5.16 22.28
CA THR A 396 14.05 -5.99 21.89
C THR A 396 13.61 -6.90 20.73
N PHE A 397 14.39 -6.90 19.63
CA PHE A 397 14.11 -7.67 18.42
C PHE A 397 15.29 -8.52 17.93
N GLU A 398 15.04 -9.48 17.02
CA GLU A 398 16.03 -10.41 16.46
C GLU A 398 17.11 -9.71 15.61
N ALA A 399 18.28 -10.39 15.47
CA ALA A 399 19.49 -9.95 14.78
C ALA A 399 19.28 -9.32 13.39
N LEU A 400 18.75 -10.08 12.41
CA LEU A 400 18.52 -9.57 11.05
C LEU A 400 17.17 -9.95 10.45
N THR A 401 16.48 -10.94 11.04
CA THR A 401 15.15 -11.39 10.60
C THR A 401 14.06 -10.36 10.95
N GLN A 402 14.35 -9.49 11.95
CA GLN A 402 13.44 -8.45 12.44
C GLN A 402 14.08 -7.04 12.39
N PHE A 403 13.23 -5.99 12.37
CA PHE A 403 13.64 -4.58 12.39
C PHE A 403 13.04 -3.87 13.62
N GLY A 404 13.67 -2.78 14.04
CA GLY A 404 13.26 -2.02 15.21
C GLY A 404 12.22 -0.93 14.94
N VAL A 405 11.42 -0.63 15.99
CA VAL A 405 10.37 0.40 15.95
C VAL A 405 10.55 1.28 17.21
N ALA A 406 10.92 2.56 17.02
CA ALA A 406 11.15 3.50 18.12
C ALA A 406 9.99 4.50 18.29
N ALA A 407 9.01 4.13 19.13
CA ALA A 407 7.83 4.96 19.40
C ALA A 407 8.19 6.17 20.29
N VAL A 408 8.21 7.37 19.70
CA VAL A 408 8.55 8.62 20.38
C VAL A 408 7.31 9.53 20.50
N ILE A 409 6.79 9.67 21.73
CA ILE A 409 5.62 10.51 22.02
C ILE A 409 6.08 11.92 22.46
N ILE A 410 5.53 12.98 21.82
CA ILE A 410 5.89 14.38 22.09
C ILE A 410 4.65 15.24 22.39
N LYS A 411 4.77 16.13 23.41
CA LYS A 411 3.73 17.05 23.86
C LYS A 411 4.12 18.52 23.55
N ASN A 412 3.12 19.33 23.14
CA ASN A 412 3.27 20.76 22.88
C ASN A 412 3.04 21.47 24.22
N THR A 413 4.12 21.99 24.83
CA THR A 413 4.08 22.68 26.13
C THR A 413 3.65 24.16 26.03
N GLY A 414 3.56 24.67 24.80
CA GLY A 414 3.18 26.06 24.52
C GLY A 414 1.70 26.35 24.66
N GLU A 415 1.22 27.39 23.96
CA GLU A 415 -0.17 27.83 23.99
C GLU A 415 -0.86 27.85 22.62
N VAL A 416 -0.08 27.86 21.52
CA VAL A 416 -0.59 27.89 20.13
C VAL A 416 -0.09 26.66 19.34
N GLU A 417 -0.81 26.28 18.27
CA GLU A 417 -0.48 25.18 17.36
C GLU A 417 0.78 25.56 16.57
N ALA A 418 1.86 24.78 16.70
CA ALA A 418 3.14 25.07 16.04
C ALA A 418 3.76 23.87 15.33
N SER A 419 4.61 24.14 14.32
CA SER A 419 5.32 23.13 13.52
C SER A 419 6.48 22.54 14.33
N TYR A 420 6.86 21.29 14.00
CA TYR A 420 7.96 20.58 14.68
C TYR A 420 8.83 19.73 13.75
N SER A 421 10.04 19.40 14.21
CA SER A 421 11.04 18.58 13.52
C SER A 421 11.62 17.56 14.51
N LEU A 422 11.97 16.35 14.04
CA LEU A 422 12.53 15.30 14.89
C LEU A 422 13.55 14.42 14.17
N THR A 423 14.80 14.42 14.68
CA THR A 423 15.90 13.63 14.14
C THR A 423 16.23 12.50 15.11
N PHE A 424 16.32 11.27 14.60
CA PHE A 424 16.62 10.09 15.41
C PHE A 424 17.96 9.49 15.03
N ASP A 425 19.06 10.05 15.59
CA ASP A 425 20.43 9.61 15.34
C ASP A 425 20.77 8.37 16.17
N CYS A 426 21.46 7.40 15.56
CA CYS A 426 21.89 6.16 16.22
C CYS A 426 23.36 5.85 15.91
N SER A 427 23.90 4.78 16.54
CA SER A 427 25.28 4.31 16.39
C SER A 427 25.66 3.92 14.95
N LYS A 428 26.97 3.66 14.71
CA LYS A 428 27.56 3.27 13.42
C LYS A 428 26.88 2.04 12.77
N GLY A 429 26.39 1.12 13.59
CA GLY A 429 25.72 -0.10 13.16
C GLY A 429 24.35 0.12 12.55
N VAL A 430 23.56 1.07 13.11
CA VAL A 430 22.21 1.38 12.61
C VAL A 430 22.29 2.42 11.48
N ALA A 431 21.56 2.17 10.38
CA ALA A 431 21.50 3.04 9.21
C ALA A 431 20.73 4.34 9.50
N PHE A 432 20.95 5.40 8.68
CA PHE A 432 20.31 6.70 8.83
C PHE A 432 18.79 6.67 8.66
N VAL A 433 18.08 7.41 9.52
CA VAL A 433 16.61 7.51 9.51
C VAL A 433 16.23 8.95 9.14
N GLU A 434 15.24 9.10 8.24
CA GLU A 434 14.76 10.39 7.74
C GLU A 434 14.10 11.26 8.83
N GLU A 435 14.27 12.59 8.72
CA GLU A 435 13.72 13.58 9.62
C GLU A 435 12.20 13.63 9.47
N GLN A 436 11.47 13.73 10.60
CA GLN A 436 10.01 13.76 10.59
C GLN A 436 9.41 15.13 10.89
N PHE A 437 8.51 15.60 10.01
CA PHE A 437 7.80 16.87 10.13
C PHE A 437 6.36 16.60 10.60
N PHE A 438 5.89 17.38 11.59
CA PHE A 438 4.56 17.26 12.21
C PHE A 438 4.12 18.53 12.93
N ILE A 439 2.78 18.72 13.07
CA ILE A 439 2.18 19.86 13.74
C ILE A 439 1.34 19.35 14.94
N ILE A 440 1.70 19.80 16.17
CA ILE A 440 1.03 19.38 17.41
C ILE A 440 0.26 20.54 18.06
N LYS A 441 -1.01 20.27 18.44
CA LYS A 441 -1.89 21.22 19.13
C LYS A 441 -1.42 21.36 20.60
N PRO A 442 -1.59 22.54 21.25
CA PRO A 442 -1.10 22.69 22.64
C PRO A 442 -1.74 21.79 23.70
N LYS A 443 -2.93 21.21 23.41
CA LYS A 443 -3.65 20.33 24.33
C LYS A 443 -3.63 18.85 23.86
N ALA A 444 -2.64 18.49 22.99
CA ALA A 444 -2.50 17.13 22.44
C ALA A 444 -1.06 16.60 22.39
N VAL A 445 -0.92 15.27 22.11
CA VAL A 445 0.33 14.52 21.99
C VAL A 445 0.35 13.75 20.66
N THR A 446 1.57 13.47 20.12
CA THR A 446 1.74 12.74 18.86
C THR A 446 2.83 11.65 18.98
N THR A 447 2.46 10.40 18.66
CA THR A 447 3.38 9.26 18.68
C THR A 447 4.07 9.14 17.31
N ARG A 448 5.41 9.21 17.30
CA ARG A 448 6.21 9.13 16.07
C ARG A 448 7.19 7.96 16.11
N SER A 449 6.96 6.97 15.22
CA SER A 449 7.76 5.74 15.13
C SER A 449 8.78 5.78 13.99
N PHE A 450 9.97 5.21 14.24
CA PHE A 450 11.08 5.13 13.28
C PHE A 450 11.49 3.67 13.07
N LYS A 451 11.72 3.27 11.81
CA LYS A 451 12.18 1.93 11.47
C LYS A 451 13.70 1.86 11.62
N LEU A 452 14.18 1.00 12.54
CA LEU A 452 15.61 0.83 12.84
C LEU A 452 16.20 -0.40 12.16
N TYR A 453 17.25 -0.20 11.34
CA TYR A 453 17.90 -1.28 10.61
C TYR A 453 19.39 -1.45 10.98
N PRO A 454 19.74 -2.47 11.81
CA PRO A 454 21.15 -2.68 12.15
C PRO A 454 21.90 -3.42 11.05
N THR A 455 23.21 -3.15 10.91
CA THR A 455 24.06 -3.77 9.87
C THR A 455 24.86 -4.98 10.40
N LYS A 456 24.89 -5.18 11.73
CA LYS A 456 25.61 -6.30 12.36
C LYS A 456 24.74 -7.53 12.60
N ASP A 457 25.35 -8.72 12.55
CA ASP A 457 24.72 -10.02 12.78
C ASP A 457 24.77 -10.42 14.25
N GLN A 458 25.89 -10.13 14.93
CA GLN A 458 26.11 -10.45 16.35
C GLN A 458 25.30 -9.50 17.24
N ALA A 459 24.73 -10.03 18.34
CA ALA A 459 23.94 -9.30 19.32
C ALA A 459 24.78 -8.19 19.99
N ALA A 460 24.60 -6.95 19.50
CA ALA A 460 25.33 -5.77 19.98
C ALA A 460 24.41 -4.75 20.63
N LYS A 461 24.97 -3.90 21.51
CA LYS A 461 24.25 -2.85 22.23
C LYS A 461 24.58 -1.48 21.63
N TYR A 462 23.53 -0.73 21.21
CA TYR A 462 23.67 0.60 20.59
C TYR A 462 23.01 1.71 21.44
N ILE A 463 23.36 2.98 21.16
CA ILE A 463 22.81 4.16 21.85
C ILE A 463 22.19 5.11 20.80
N CYS A 464 20.93 5.50 21.01
CA CYS A 464 20.20 6.40 20.12
C CYS A 464 19.83 7.72 20.78
N THR A 465 20.03 8.84 20.06
CA THR A 465 19.76 10.20 20.52
C THR A 465 18.67 10.86 19.68
N ALA A 466 17.51 11.13 20.30
CA ALA A 466 16.37 11.79 19.65
C ALA A 466 16.42 13.28 19.92
N ILE A 467 16.52 14.09 18.85
CA ILE A 467 16.61 15.56 18.94
C ILE A 467 15.33 16.20 18.37
N LEU A 468 14.62 16.97 19.21
CA LEU A 468 13.38 17.67 18.82
C LEU A 468 13.64 19.15 18.52
N LYS A 469 13.09 19.65 17.41
CA LYS A 469 13.20 21.03 16.97
C LYS A 469 11.81 21.64 16.76
N ASP A 470 11.71 22.99 16.78
CA ASP A 470 10.47 23.75 16.65
C ASP A 470 10.36 24.38 15.25
N SER A 471 9.50 25.42 15.09
CA SER A 471 9.34 26.20 13.85
C SER A 471 10.66 26.94 13.60
N GLN A 472 11.39 27.19 14.70
CA GLN A 472 12.75 27.72 14.78
C GLN A 472 13.57 26.43 14.79
N PHE A 473 14.51 26.27 13.84
CA PHE A 473 15.32 25.06 13.68
C PHE A 473 16.25 24.74 14.87
N SER A 474 16.11 25.47 16.00
CA SER A 474 16.87 25.26 17.24
C SER A 474 16.28 24.12 18.04
N GLU A 475 17.14 23.30 18.68
CA GLU A 475 16.73 22.15 19.48
C GLU A 475 16.02 22.57 20.78
N VAL A 476 14.88 21.93 21.04
CA VAL A 476 14.05 22.21 22.22
C VAL A 476 14.31 21.19 23.33
N ASP A 477 14.42 19.89 22.95
CA ASP A 477 14.67 18.80 23.91
C ASP A 477 15.48 17.65 23.30
N ARG A 478 16.37 17.05 24.11
CA ARG A 478 17.20 15.90 23.74
C ARG A 478 16.88 14.72 24.63
N ALA A 479 16.91 13.49 24.08
CA ALA A 479 16.62 12.26 24.83
C ALA A 479 17.42 11.05 24.35
N GLU A 480 17.87 10.21 25.30
CA GLU A 480 18.64 8.99 25.05
C GLU A 480 17.85 7.73 25.42
N CYS A 481 18.19 6.57 24.81
CA CYS A 481 17.54 5.29 25.09
C CYS A 481 18.47 4.09 24.94
N GLN A 482 18.33 3.11 25.85
CA GLN A 482 19.10 1.87 25.86
C GLN A 482 18.58 0.97 24.75
N PHE A 483 19.48 0.54 23.85
CA PHE A 483 19.12 -0.28 22.69
C PHE A 483 20.01 -1.53 22.57
N SER A 484 19.37 -2.70 22.38
CA SER A 484 20.04 -4.00 22.25
C SER A 484 19.23 -5.00 21.41
N THR A 485 19.92 -5.87 20.67
CA THR A 485 19.32 -6.90 19.80
C THR A 485 19.64 -8.32 20.30
N THR A 486 18.81 -9.30 19.88
CA THR A 486 18.98 -10.73 20.23
C THR A 486 19.59 -11.51 19.07
N ALA A 487 20.61 -12.35 19.35
CA ALA A 487 21.30 -13.16 18.35
C ALA A 487 20.42 -14.31 17.86
C1 NAG B . -11.66 21.21 -8.14
C2 NAG B . -12.52 22.02 -7.17
C3 NAG B . -12.99 21.06 -6.08
C4 NAG B . -13.81 19.93 -6.69
C5 NAG B . -13.00 19.22 -7.79
C6 NAG B . -13.81 18.24 -8.59
C7 NAG B . -12.21 24.40 -6.56
C8 NAG B . -11.26 25.42 -6.00
N2 NAG B . -11.77 23.13 -6.58
O3 NAG B . -13.79 21.76 -5.13
O4 NAG B . -14.15 18.99 -5.68
O5 NAG B . -12.49 20.21 -8.73
O6 NAG B . -14.80 18.86 -9.39
O7 NAG B . -13.31 24.72 -6.98
C1 NAG C . -7.60 20.03 6.09
C2 NAG C . -7.35 19.45 7.48
C3 NAG C . -8.25 18.22 7.66
C4 NAG C . -9.72 18.57 7.42
C5 NAG C . -9.89 19.20 6.04
C6 NAG C . -11.28 19.72 5.79
C7 NAG C . -5.30 19.07 8.80
C8 NAG C . -3.89 18.53 8.76
N2 NAG C . -5.95 19.08 7.63
O3 NAG C . -8.10 17.69 8.98
O4 NAG C . -10.51 17.39 7.53
O5 NAG C . -8.99 20.31 5.89
O6 NAG C . -11.42 20.31 4.50
O7 NAG C . -5.80 19.46 9.85
ZN ZN D . -15.31 -8.63 -6.85
ZN ZN E . 3.25 -28.49 -2.83
ZN ZN F . -11.18 -61.58 -0.36
C ACT G . 6.94 -6.38 -3.14
O ACT G . 7.78 -6.87 -2.35
OXT ACT G . 5.90 -6.95 -3.56
CH3 ACT G . 7.20 -4.94 -3.64
C1 GOL H . 6.83 5.13 1.16
O1 GOL H . 6.83 6.32 0.39
C2 GOL H . 5.51 4.40 1.06
O2 GOL H . 5.33 3.93 -0.28
C3 GOL H . 5.42 3.25 2.03
O3 GOL H . 4.09 2.74 2.10
C1 GOL I . -14.71 32.46 -4.22
O1 GOL I . -15.52 33.05 -3.21
C2 GOL I . -15.18 32.88 -5.59
O2 GOL I . -15.07 34.31 -5.72
C3 GOL I . -14.34 32.22 -6.66
O3 GOL I . -14.76 32.62 -7.95
C1 GOL J . 3.90 -1.54 9.74
O1 GOL J . 4.86 -1.13 10.71
C2 GOL J . 2.67 -0.67 9.79
O2 GOL J . 3.01 0.66 9.41
C3 GOL J . 1.61 -1.21 8.87
O3 GOL J . 0.43 -0.43 8.94
C1 GOL K . -2.51 -31.92 0.01
O1 GOL K . -1.15 -32.32 -0.19
C2 GOL K . -2.77 -31.64 1.48
O2 GOL K . -1.91 -30.60 1.92
C3 GOL K . -4.22 -31.24 1.67
O3 GOL K . -4.48 -30.97 3.04
C1 GOL L . 14.85 14.19 29.17
O1 GOL L . 13.73 13.51 28.59
C2 GOL L . 14.93 15.60 28.64
O2 GOL L . 13.79 16.35 29.08
C3 GOL L . 16.20 16.30 29.09
O3 GOL L . 16.35 17.53 28.41
#